data_4BPL
#
_entry.id   4BPL
#
_cell.length_a   62.221
_cell.length_b   74.093
_cell.length_c   138.027
_cell.angle_alpha   90.00
_cell.angle_beta   90.00
_cell.angle_gamma   90.00
#
_symmetry.space_group_name_H-M   'P 2 21 21'
#
loop_
_entity.id
_entity.type
_entity.pdbx_description
1 polymer 'IMPORTIN SUBUNIT ALPHA-1A'
2 polymer 'NUCLEOPLASMIN NLS'
3 water water
#
loop_
_entity_poly.entity_id
_entity_poly.type
_entity_poly.pdbx_seq_one_letter_code
_entity_poly.pdbx_strand_id
1 'polypeptide(L)'
;SLPAMIGGVYSDDNNLQLEATTQFRKLLSIERSPPIEEVIQSGVVPRFVQFLTREDFPQLQFEAAWALTNIASGTSENTK
VVIDHGAVPIFVKLLGSSSDDVREQAVWALGNVAGDSPKCRDLVLANGALLPLLAQLNEHTKLSMLRNATWTLSNFCRGK
PQPSFEQTRPALPALARLIHSNDEEVLTDACWALSYLSDGTNDKIQAVIEAGVCPRLVELLLHPSPSVLIPALRTVGNIV
TGDDAQTQCIIDHQALPCLLSLLTQNLKKSIKKEACWTISNITAGNKDQIQAVINAGIIGPLVNLLQTAEFDIKKEAAWA
ISNATSGGSHDQIKYLVSEGCIKPLCDLLICPDIRIVTVCLEGLENILKVGETDKTLAAGDVNVFSQMIDEAEGLEKIEN
LQSHDNNEIYEKAVKILEAYWMDEEDDTMGATTVAAPQGATFDFGQGGGAAQFK
;
A
2 'polypeptide(L)' SAVKRPAATKKAGQAKKKKLD B
#
# COMPACT_ATOMS: atom_id res chain seq x y z
N SER A 1 -44.47 16.81 6.37
CA SER A 1 -43.23 16.96 5.61
C SER A 1 -42.88 15.69 4.80
N LEU A 2 -42.44 14.60 5.47
CA LEU A 2 -42.04 13.35 4.82
C LEU A 2 -43.21 12.67 4.05
N PRO A 3 -44.46 12.53 4.57
CA PRO A 3 -45.54 11.91 3.78
C PRO A 3 -45.91 12.66 2.48
N ALA A 4 -45.34 13.85 2.25
CA ALA A 4 -45.55 14.63 1.02
C ALA A 4 -44.43 14.29 0.04
N MET A 5 -43.24 13.95 0.59
CA MET A 5 -42.04 13.56 -0.16
C MET A 5 -42.21 12.16 -0.73
N ILE A 6 -42.75 11.22 0.07
CA ILE A 6 -43.00 9.85 -0.36
C ILE A 6 -44.08 9.86 -1.45
N GLY A 7 -45.17 10.62 -1.23
CA GLY A 7 -46.26 10.79 -2.18
C GLY A 7 -45.83 11.40 -3.50
N GLY A 8 -44.87 12.31 -3.43
CA GLY A 8 -44.25 12.97 -4.57
C GLY A 8 -43.41 12.04 -5.41
N VAL A 9 -42.50 11.27 -4.76
CA VAL A 9 -41.66 10.28 -5.48
C VAL A 9 -42.55 9.14 -6.02
N TYR A 10 -43.66 8.82 -5.30
CA TYR A 10 -44.60 7.80 -5.69
C TYR A 10 -45.74 8.35 -6.57
N SER A 11 -45.68 9.65 -6.94
CA SER A 11 -46.65 10.23 -7.86
C SER A 11 -46.14 9.98 -9.29
N ASP A 12 -46.95 10.27 -10.32
CA ASP A 12 -46.52 10.03 -11.71
C ASP A 12 -46.29 11.34 -12.48
N ASP A 13 -46.15 12.47 -11.73
CA ASP A 13 -45.89 13.82 -12.24
C ASP A 13 -44.41 14.19 -12.10
N ASN A 14 -43.73 14.36 -13.26
CA ASN A 14 -42.30 14.67 -13.44
C ASN A 14 -41.76 15.75 -12.48
N ASN A 15 -42.52 16.82 -12.26
CA ASN A 15 -42.13 17.95 -11.41
C ASN A 15 -42.25 17.60 -9.92
N LEU A 16 -43.28 16.81 -9.55
CA LEU A 16 -43.46 16.33 -8.17
C LEU A 16 -42.31 15.39 -7.78
N GLN A 17 -41.93 14.50 -8.73
CA GLN A 17 -40.86 13.51 -8.57
C GLN A 17 -39.51 14.18 -8.30
N LEU A 18 -39.15 15.22 -9.11
CA LEU A 18 -37.89 15.96 -9.00
C LEU A 18 -37.81 16.75 -7.70
N GLU A 19 -38.93 17.30 -7.24
CA GLU A 19 -39.04 18.12 -6.03
C GLU A 19 -38.72 17.29 -4.79
N ALA A 20 -39.36 16.13 -4.66
CA ALA A 20 -39.16 15.27 -3.49
C ALA A 20 -37.79 14.50 -3.56
N THR A 21 -37.26 14.22 -4.77
CA THR A 21 -35.95 13.53 -4.90
C THR A 21 -34.83 14.51 -4.46
N THR A 22 -35.01 15.83 -4.73
CA THR A 22 -34.07 16.90 -4.33
C THR A 22 -34.11 17.04 -2.81
N GLN A 23 -35.32 16.99 -2.22
CA GLN A 23 -35.58 17.05 -0.79
C GLN A 23 -34.95 15.85 -0.05
N PHE A 24 -35.09 14.64 -0.62
CA PHE A 24 -34.50 13.43 -0.05
C PHE A 24 -32.98 13.49 -0.12
N ARG A 25 -32.44 13.98 -1.26
CA ARG A 25 -31.01 14.17 -1.50
C ARG A 25 -30.42 15.11 -0.43
N LYS A 26 -30.98 16.33 -0.28
CA LYS A 26 -30.57 17.37 0.69
C LYS A 26 -30.51 16.80 2.11
N LEU A 27 -31.55 16.04 2.50
CA LEU A 27 -31.67 15.37 3.80
C LEU A 27 -30.55 14.33 4.00
N LEU A 28 -30.12 13.65 2.89
CA LEU A 28 -29.05 12.63 2.90
C LEU A 28 -27.65 13.27 2.74
N SER A 29 -27.58 14.51 2.21
CA SER A 29 -26.34 15.27 1.98
C SER A 29 -25.87 16.06 3.22
N ILE A 30 -26.56 15.92 4.36
CA ILE A 30 -26.24 16.65 5.58
C ILE A 30 -24.91 16.16 6.17
N GLU A 31 -24.17 17.09 6.84
CA GLU A 31 -22.84 16.95 7.47
C GLU A 31 -22.63 15.59 8.15
N ARG A 32 -23.16 15.42 9.37
CA ARG A 32 -23.02 14.20 10.18
C ARG A 32 -24.41 13.67 10.58
N SER A 33 -24.48 12.35 10.83
CA SER A 33 -25.68 11.58 11.21
C SER A 33 -26.83 11.75 10.18
N PRO A 34 -26.66 11.33 8.90
CA PRO A 34 -27.76 11.46 7.94
C PRO A 34 -28.86 10.43 8.24
N PRO A 35 -30.16 10.76 8.04
CA PRO A 35 -31.20 9.77 8.35
C PRO A 35 -31.35 8.74 7.22
N ILE A 36 -30.25 8.04 6.87
CA ILE A 36 -30.20 7.02 5.81
C ILE A 36 -31.24 5.93 6.14
N GLU A 37 -31.27 5.46 7.41
CA GLU A 37 -32.21 4.47 7.92
C GLU A 37 -33.68 4.91 7.71
N GLU A 38 -33.99 6.19 7.99
CA GLU A 38 -35.36 6.70 7.82
C GLU A 38 -35.74 6.87 6.32
N VAL A 39 -34.78 7.26 5.44
CA VAL A 39 -34.99 7.40 4.00
C VAL A 39 -35.30 6.00 3.39
N ILE A 40 -34.63 4.93 3.89
CA ILE A 40 -34.83 3.55 3.45
C ILE A 40 -36.25 3.08 3.88
N GLN A 41 -36.63 3.31 5.15
CA GLN A 41 -37.91 2.90 5.73
C GLN A 41 -39.12 3.59 5.07
N SER A 42 -38.90 4.71 4.36
CA SER A 42 -39.95 5.46 3.66
C SER A 42 -40.31 4.82 2.30
N GLY A 43 -39.63 3.71 1.97
CA GLY A 43 -39.81 2.88 0.79
C GLY A 43 -39.51 3.55 -0.54
N VAL A 44 -38.64 4.57 -0.54
CA VAL A 44 -38.33 5.37 -1.73
C VAL A 44 -37.13 4.86 -2.56
N VAL A 45 -36.26 3.98 -2.00
CA VAL A 45 -35.07 3.44 -2.69
C VAL A 45 -35.45 2.82 -4.08
N PRO A 46 -36.44 1.87 -4.20
CA PRO A 46 -36.75 1.33 -5.54
C PRO A 46 -37.20 2.37 -6.56
N ARG A 47 -37.86 3.47 -6.10
CA ARG A 47 -38.29 4.56 -6.97
C ARG A 47 -37.08 5.34 -7.50
N PHE A 48 -36.06 5.60 -6.64
CA PHE A 48 -34.82 6.27 -7.06
C PHE A 48 -34.09 5.44 -8.13
N VAL A 49 -34.05 4.10 -7.93
CA VAL A 49 -33.45 3.16 -8.88
C VAL A 49 -34.23 3.23 -10.22
N GLN A 50 -35.58 3.31 -10.16
CA GLN A 50 -36.41 3.50 -11.36
C GLN A 50 -36.08 4.85 -12.03
N PHE A 51 -35.86 5.91 -11.21
CA PHE A 51 -35.55 7.27 -11.69
C PHE A 51 -34.17 7.33 -12.38
N LEU A 52 -33.33 6.30 -12.22
CA LEU A 52 -32.02 6.20 -12.86
C LEU A 52 -32.15 5.87 -14.33
N THR A 53 -33.20 5.10 -14.70
CA THR A 53 -33.44 4.63 -16.07
C THR A 53 -34.19 5.69 -16.94
N ARG A 54 -34.63 6.81 -16.32
CA ARG A 54 -35.36 7.91 -16.97
C ARG A 54 -34.37 8.79 -17.76
N GLU A 55 -33.93 8.32 -18.93
CA GLU A 55 -32.94 9.06 -19.73
C GLU A 55 -33.50 10.33 -20.42
N ASP A 56 -34.85 10.52 -20.43
CA ASP A 56 -35.50 11.70 -20.98
C ASP A 56 -35.56 12.84 -19.93
N PHE A 57 -35.22 12.51 -18.66
CA PHE A 57 -35.20 13.44 -17.53
C PHE A 57 -33.86 13.32 -16.77
N PRO A 58 -32.75 13.88 -17.34
CA PRO A 58 -31.42 13.73 -16.70
C PRO A 58 -31.24 14.41 -15.35
N GLN A 59 -32.05 15.45 -15.04
CA GLN A 59 -31.94 16.16 -13.76
C GLN A 59 -32.35 15.26 -12.58
N LEU A 60 -33.46 14.52 -12.74
CA LEU A 60 -33.98 13.57 -11.74
C LEU A 60 -33.01 12.38 -11.58
N GLN A 61 -32.40 11.92 -12.72
CA GLN A 61 -31.42 10.82 -12.76
C GLN A 61 -30.27 11.13 -11.80
N PHE A 62 -29.65 12.33 -11.96
CA PHE A 62 -28.54 12.85 -11.15
C PHE A 62 -28.94 12.99 -9.67
N GLU A 63 -30.16 13.52 -9.38
CA GLU A 63 -30.66 13.67 -8.02
C GLU A 63 -30.89 12.30 -7.38
N ALA A 64 -31.45 11.35 -8.13
CA ALA A 64 -31.67 9.98 -7.66
C ALA A 64 -30.34 9.22 -7.48
N ALA A 65 -29.33 9.50 -8.34
CA ALA A 65 -28.00 8.89 -8.29
C ALA A 65 -27.18 9.41 -7.11
N TRP A 66 -27.39 10.68 -6.72
CA TRP A 66 -26.72 11.35 -5.61
C TRP A 66 -27.30 10.86 -4.28
N ALA A 67 -28.64 10.73 -4.20
CA ALA A 67 -29.32 10.23 -3.00
C ALA A 67 -28.93 8.76 -2.72
N LEU A 68 -28.78 7.94 -3.78
CA LEU A 68 -28.39 6.52 -3.65
C LEU A 68 -26.90 6.39 -3.30
N THR A 69 -26.05 7.33 -3.78
CA THR A 69 -24.61 7.44 -3.47
C THR A 69 -24.44 7.62 -1.97
N ASN A 70 -25.29 8.48 -1.37
CA ASN A 70 -25.23 8.77 0.06
C ASN A 70 -25.83 7.65 0.90
N ILE A 71 -26.80 6.89 0.37
CA ILE A 71 -27.33 5.71 1.08
C ILE A 71 -26.21 4.65 1.08
N ALA A 72 -25.55 4.45 -0.09
CA ALA A 72 -24.44 3.50 -0.27
C ALA A 72 -23.19 3.90 0.52
N SER A 73 -23.12 5.14 1.04
CA SER A 73 -21.99 5.65 1.85
C SER A 73 -22.16 5.32 3.34
N GLY A 74 -23.28 4.71 3.72
CA GLY A 74 -23.53 4.35 5.11
C GLY A 74 -22.99 2.99 5.49
N THR A 75 -23.72 2.29 6.37
CA THR A 75 -23.36 0.95 6.84
C THR A 75 -23.52 -0.10 5.72
N SER A 76 -22.94 -1.30 5.92
CA SER A 76 -23.04 -2.42 4.98
C SER A 76 -24.51 -2.77 4.75
N GLU A 77 -25.33 -2.70 5.81
CA GLU A 77 -26.77 -2.97 5.75
C GLU A 77 -27.47 -1.94 4.82
N ASN A 78 -26.98 -0.67 4.78
CA ASN A 78 -27.53 0.37 3.89
C ASN A 78 -27.10 0.15 2.44
N THR A 79 -25.83 -0.28 2.22
CA THR A 79 -25.24 -0.55 0.90
C THR A 79 -25.97 -1.73 0.26
N LYS A 80 -26.32 -2.77 1.06
CA LYS A 80 -27.01 -3.97 0.59
C LYS A 80 -28.39 -3.64 0.06
N VAL A 81 -29.09 -2.68 0.67
CA VAL A 81 -30.42 -2.21 0.24
C VAL A 81 -30.33 -1.67 -1.22
N VAL A 82 -29.25 -0.93 -1.52
CA VAL A 82 -28.97 -0.36 -2.85
C VAL A 82 -28.74 -1.52 -3.84
N ILE A 83 -28.00 -2.55 -3.42
CA ILE A 83 -27.66 -3.74 -4.21
C ILE A 83 -28.93 -4.58 -4.48
N ASP A 84 -29.74 -4.81 -3.43
CA ASP A 84 -30.99 -5.58 -3.50
C ASP A 84 -32.04 -4.95 -4.43
N HIS A 85 -31.94 -3.61 -4.71
CA HIS A 85 -32.88 -2.97 -5.60
C HIS A 85 -32.31 -2.79 -7.02
N GLY A 86 -31.31 -3.61 -7.33
CA GLY A 86 -30.68 -3.75 -8.63
C GLY A 86 -29.98 -2.53 -9.19
N ALA A 87 -29.42 -1.69 -8.32
CA ALA A 87 -28.78 -0.45 -8.73
C ALA A 87 -27.45 -0.65 -9.46
N VAL A 88 -26.66 -1.69 -9.07
CA VAL A 88 -25.34 -1.97 -9.62
C VAL A 88 -25.38 -2.05 -11.18
N PRO A 89 -26.18 -2.92 -11.86
CA PRO A 89 -26.17 -2.90 -13.35
C PRO A 89 -26.71 -1.60 -13.95
N ILE A 90 -27.60 -0.87 -13.24
CA ILE A 90 -28.15 0.39 -13.75
C ILE A 90 -27.07 1.49 -13.68
N PHE A 91 -26.24 1.53 -12.60
CA PHE A 91 -25.15 2.51 -12.48
C PHE A 91 -24.05 2.25 -13.55
N VAL A 92 -23.75 0.96 -13.87
CA VAL A 92 -22.78 0.58 -14.93
C VAL A 92 -23.28 1.12 -16.29
N LYS A 93 -24.61 0.99 -16.53
CA LYS A 93 -25.26 1.48 -17.74
C LYS A 93 -25.20 3.04 -17.79
N LEU A 94 -25.43 3.70 -16.64
CA LEU A 94 -25.37 5.17 -16.50
C LEU A 94 -23.95 5.74 -16.76
N LEU A 95 -22.90 4.88 -16.87
CA LEU A 95 -21.55 5.32 -17.23
C LEU A 95 -21.50 5.68 -18.74
N GLY A 96 -22.57 5.35 -19.47
CA GLY A 96 -22.70 5.66 -20.89
C GLY A 96 -23.83 6.63 -21.20
N SER A 97 -24.11 7.57 -20.28
CA SER A 97 -25.16 8.60 -20.40
C SER A 97 -24.62 9.88 -21.02
N SER A 98 -25.47 10.59 -21.77
CA SER A 98 -25.18 11.87 -22.43
C SER A 98 -24.92 13.01 -21.42
N SER A 99 -25.22 12.77 -20.14
CA SER A 99 -25.03 13.72 -19.05
C SER A 99 -23.72 13.42 -18.31
N ASP A 100 -22.83 14.44 -18.26
CA ASP A 100 -21.53 14.35 -17.57
C ASP A 100 -21.76 14.22 -16.05
N ASP A 101 -22.82 14.90 -15.56
CA ASP A 101 -23.25 14.92 -14.16
C ASP A 101 -23.75 13.54 -13.70
N VAL A 102 -24.49 12.84 -14.57
CA VAL A 102 -25.04 11.52 -14.25
C VAL A 102 -23.88 10.50 -14.25
N ARG A 103 -23.02 10.50 -15.30
CA ARG A 103 -21.82 9.67 -15.44
C ARG A 103 -20.94 9.79 -14.21
N GLU A 104 -20.70 11.04 -13.71
CA GLU A 104 -19.83 11.26 -12.56
C GLU A 104 -20.45 10.73 -11.26
N GLN A 105 -21.78 10.91 -11.09
CA GLN A 105 -22.49 10.40 -9.91
C GLN A 105 -22.55 8.87 -9.90
N ALA A 106 -22.70 8.24 -11.10
CA ALA A 106 -22.74 6.78 -11.27
C ALA A 106 -21.39 6.19 -10.87
N VAL A 107 -20.30 6.88 -11.24
CA VAL A 107 -18.92 6.53 -10.92
C VAL A 107 -18.72 6.52 -9.36
N TRP A 108 -19.16 7.59 -8.67
CA TRP A 108 -19.09 7.77 -7.20
C TRP A 108 -19.88 6.64 -6.51
N ALA A 109 -21.13 6.40 -6.97
CA ALA A 109 -22.04 5.38 -6.45
C ALA A 109 -21.41 3.99 -6.48
N LEU A 110 -20.77 3.63 -7.61
CA LEU A 110 -20.11 2.35 -7.79
C LEU A 110 -18.89 2.26 -6.86
N GLY A 111 -18.19 3.38 -6.67
CA GLY A 111 -17.06 3.46 -5.74
C GLY A 111 -17.47 3.16 -4.31
N ASN A 112 -18.67 3.65 -3.92
CA ASN A 112 -19.25 3.46 -2.59
C ASN A 112 -19.72 2.03 -2.38
N VAL A 113 -20.32 1.41 -3.41
CA VAL A 113 -20.72 -0.01 -3.38
C VAL A 113 -19.43 -0.89 -3.31
N ALA A 114 -18.45 -0.64 -4.23
CA ALA A 114 -17.17 -1.37 -4.29
C ALA A 114 -16.33 -1.17 -3.05
N GLY A 115 -16.54 -0.06 -2.35
CA GLY A 115 -15.82 0.26 -1.12
C GLY A 115 -16.25 -0.52 0.12
N ASP A 116 -17.50 -1.04 0.11
CA ASP A 116 -18.12 -1.73 1.26
C ASP A 116 -17.40 -3.00 1.73
N SER A 117 -17.00 -3.90 0.82
CA SER A 117 -16.34 -5.15 1.17
C SER A 117 -15.85 -5.83 -0.08
N PRO A 118 -14.95 -6.85 0.01
CA PRO A 118 -14.52 -7.59 -1.20
C PRO A 118 -15.69 -8.25 -1.95
N LYS A 119 -16.75 -8.71 -1.24
CA LYS A 119 -17.96 -9.29 -1.86
C LYS A 119 -18.66 -8.26 -2.78
N CYS A 120 -18.92 -7.03 -2.27
CA CYS A 120 -19.57 -5.93 -3.01
C CYS A 120 -18.69 -5.45 -4.15
N ARG A 121 -17.36 -5.37 -3.92
CA ARG A 121 -16.35 -5.04 -4.92
C ARG A 121 -16.42 -6.03 -6.10
N ASP A 122 -16.52 -7.34 -5.79
CA ASP A 122 -16.61 -8.42 -6.73
C ASP A 122 -17.90 -8.37 -7.54
N LEU A 123 -19.00 -7.94 -6.92
CA LEU A 123 -20.31 -7.81 -7.59
C LEU A 123 -20.29 -6.68 -8.61
N VAL A 124 -19.63 -5.56 -8.29
CA VAL A 124 -19.51 -4.39 -9.17
C VAL A 124 -18.69 -4.78 -10.41
N LEU A 125 -17.53 -5.47 -10.22
CA LEU A 125 -16.68 -5.94 -11.32
C LEU A 125 -17.35 -7.02 -12.16
N ALA A 126 -18.13 -7.92 -11.52
CA ALA A 126 -18.85 -8.99 -12.25
C ALA A 126 -19.90 -8.36 -13.16
N ASN A 127 -20.46 -7.20 -12.74
CA ASN A 127 -21.44 -6.41 -13.52
C ASN A 127 -20.75 -5.57 -14.65
N GLY A 128 -19.45 -5.79 -14.84
CA GLY A 128 -18.62 -5.19 -15.86
C GLY A 128 -18.42 -3.70 -15.76
N ALA A 129 -18.22 -3.19 -14.54
CA ALA A 129 -18.07 -1.75 -14.34
C ALA A 129 -16.70 -1.23 -14.77
N LEU A 130 -15.65 -2.06 -14.74
CA LEU A 130 -14.30 -1.60 -15.05
C LEU A 130 -14.11 -0.97 -16.47
N LEU A 131 -14.36 -1.70 -17.58
CA LEU A 131 -14.17 -1.20 -18.94
C LEU A 131 -14.94 0.14 -19.21
N PRO A 132 -16.30 0.25 -18.99
CA PRO A 132 -16.96 1.55 -19.20
C PRO A 132 -16.43 2.67 -18.29
N LEU A 133 -15.95 2.35 -17.07
CA LEU A 133 -15.36 3.36 -16.17
C LEU A 133 -14.07 3.92 -16.81
N LEU A 134 -13.22 3.01 -17.37
CA LEU A 134 -11.98 3.40 -18.07
C LEU A 134 -12.30 4.13 -19.39
N ALA A 135 -13.45 3.83 -20.05
CA ALA A 135 -13.87 4.45 -21.33
C ALA A 135 -14.11 5.96 -21.21
N GLN A 136 -14.49 6.46 -20.01
CA GLN A 136 -14.68 7.89 -19.82
C GLN A 136 -13.41 8.53 -19.18
N LEU A 137 -12.23 8.05 -19.61
CA LEU A 137 -10.92 8.54 -19.20
C LEU A 137 -10.11 8.85 -20.46
N ASN A 138 -9.88 10.15 -20.69
CA ASN A 138 -9.13 10.66 -21.84
C ASN A 138 -8.54 12.05 -21.53
N GLU A 139 -8.00 12.75 -22.56
CA GLU A 139 -7.40 14.07 -22.41
C GLU A 139 -8.44 15.18 -22.17
N HIS A 140 -9.71 14.95 -22.57
CA HIS A 140 -10.78 15.94 -22.41
C HIS A 140 -11.60 15.73 -21.11
N THR A 141 -11.15 14.82 -20.25
CA THR A 141 -11.82 14.51 -18.99
C THR A 141 -11.58 15.63 -17.96
N LYS A 142 -12.68 16.09 -17.33
CA LYS A 142 -12.67 17.16 -16.33
C LYS A 142 -12.06 16.62 -15.02
N LEU A 143 -11.40 17.51 -14.25
CA LEU A 143 -10.72 17.19 -12.99
C LEU A 143 -11.63 16.45 -11.99
N SER A 144 -12.89 16.91 -11.82
CA SER A 144 -13.86 16.30 -10.90
C SER A 144 -14.12 14.83 -11.29
N MET A 145 -14.21 14.53 -12.62
CA MET A 145 -14.38 13.19 -13.15
C MET A 145 -13.09 12.38 -12.94
N LEU A 146 -11.91 13.01 -13.19
CA LEU A 146 -10.60 12.37 -12.94
C LEU A 146 -10.48 11.94 -11.47
N ARG A 147 -10.93 12.78 -10.52
CA ARG A 147 -10.86 12.45 -9.09
C ARG A 147 -11.86 11.37 -8.69
N ASN A 148 -13.12 11.48 -9.12
CA ASN A 148 -14.16 10.49 -8.79
C ASN A 148 -13.83 9.11 -9.33
N ALA A 149 -13.37 9.05 -10.60
CA ALA A 149 -13.04 7.79 -11.26
C ALA A 149 -11.76 7.17 -10.71
N THR A 150 -10.75 7.99 -10.36
CA THR A 150 -9.49 7.46 -9.80
C THR A 150 -9.76 6.87 -8.41
N TRP A 151 -10.66 7.49 -7.62
CA TRP A 151 -11.02 6.99 -6.29
C TRP A 151 -11.86 5.70 -6.41
N THR A 152 -12.75 5.63 -7.41
CA THR A 152 -13.57 4.44 -7.66
C THR A 152 -12.66 3.29 -8.08
N LEU A 153 -11.66 3.59 -8.94
CA LEU A 153 -10.66 2.63 -9.44
C LEU A 153 -9.87 2.03 -8.29
N SER A 154 -9.53 2.83 -7.27
CA SER A 154 -8.79 2.34 -6.10
C SER A 154 -9.64 1.35 -5.28
N ASN A 155 -10.97 1.56 -5.24
CA ASN A 155 -11.93 0.72 -4.51
C ASN A 155 -12.15 -0.57 -5.24
N PHE A 156 -12.01 -0.55 -6.58
CA PHE A 156 -12.10 -1.76 -7.41
C PHE A 156 -10.91 -2.69 -7.15
N CYS A 157 -9.75 -2.12 -6.76
CA CYS A 157 -8.49 -2.83 -6.46
C CYS A 157 -8.38 -3.15 -4.99
N ARG A 158 -9.10 -2.42 -4.14
CA ARG A 158 -8.97 -2.55 -2.68
C ARG A 158 -9.52 -3.87 -2.11
N GLY A 159 -8.98 -4.26 -0.96
CA GLY A 159 -9.44 -5.38 -0.15
C GLY A 159 -8.71 -6.69 -0.23
N LYS A 160 -8.89 -7.50 0.82
CA LYS A 160 -8.33 -8.85 0.90
C LYS A 160 -9.47 -9.86 1.10
N PRO A 161 -9.52 -10.99 0.34
CA PRO A 161 -8.58 -11.37 -0.73
C PRO A 161 -8.68 -10.40 -1.90
N GLN A 162 -7.56 -10.23 -2.60
CA GLN A 162 -7.45 -9.32 -3.73
C GLN A 162 -8.35 -9.74 -4.89
N PRO A 163 -8.73 -8.81 -5.79
CA PRO A 163 -9.51 -9.23 -6.97
C PRO A 163 -8.65 -10.07 -7.91
N SER A 164 -9.27 -10.91 -8.76
CA SER A 164 -8.59 -11.72 -9.78
C SER A 164 -7.62 -10.82 -10.54
N PHE A 165 -6.48 -11.34 -11.00
CA PHE A 165 -5.58 -10.43 -11.69
C PHE A 165 -6.11 -10.03 -13.05
N GLU A 166 -6.81 -10.95 -13.78
CA GLU A 166 -7.40 -10.66 -15.09
C GLU A 166 -8.48 -9.59 -14.98
N GLN A 167 -9.06 -9.45 -13.78
CA GLN A 167 -10.14 -8.52 -13.50
C GLN A 167 -9.66 -7.10 -13.26
N THR A 168 -8.42 -6.90 -12.78
CA THR A 168 -7.92 -5.55 -12.51
C THR A 168 -6.81 -5.13 -13.48
N ARG A 169 -6.36 -6.05 -14.35
CA ARG A 169 -5.29 -5.82 -15.33
C ARG A 169 -5.65 -4.67 -16.31
N PRO A 170 -6.92 -4.49 -16.81
CA PRO A 170 -7.20 -3.37 -17.72
C PRO A 170 -6.98 -1.99 -17.11
N ALA A 171 -6.98 -1.89 -15.77
CA ALA A 171 -6.79 -0.63 -15.03
C ALA A 171 -5.36 -0.09 -15.11
N LEU A 172 -4.33 -0.98 -15.22
CA LEU A 172 -2.89 -0.65 -15.17
C LEU A 172 -2.45 0.43 -16.18
N PRO A 173 -2.75 0.39 -17.52
CA PRO A 173 -2.37 1.52 -18.39
C PRO A 173 -2.95 2.86 -17.88
N ALA A 174 -4.25 2.92 -17.51
CA ALA A 174 -4.92 4.14 -17.02
C ALA A 174 -4.27 4.68 -15.73
N LEU A 175 -3.96 3.79 -14.79
CA LEU A 175 -3.30 4.14 -13.52
C LEU A 175 -1.88 4.70 -13.75
N ALA A 176 -1.13 4.14 -14.74
CA ALA A 176 0.22 4.64 -15.08
C ALA A 176 0.16 6.07 -15.67
N ARG A 177 -0.95 6.40 -16.33
CA ARG A 177 -1.17 7.75 -16.87
C ARG A 177 -1.61 8.69 -15.75
N LEU A 178 -2.46 8.21 -14.83
CA LEU A 178 -2.98 9.02 -13.73
C LEU A 178 -1.91 9.43 -12.73
N ILE A 179 -0.83 8.64 -12.54
CA ILE A 179 0.23 9.03 -11.60
C ILE A 179 1.06 10.19 -12.18
N HIS A 180 0.85 10.56 -13.46
CA HIS A 180 1.57 11.68 -14.06
C HIS A 180 0.88 13.01 -13.79
N SER A 181 -0.33 12.98 -13.18
CA SER A 181 -1.07 14.16 -12.78
C SER A 181 -0.33 14.92 -11.66
N ASN A 182 -0.55 16.23 -11.59
CA ASN A 182 0.04 17.05 -10.55
C ASN A 182 -1.00 17.28 -9.43
N ASP A 183 -2.25 16.78 -9.62
CA ASP A 183 -3.30 16.89 -8.62
C ASP A 183 -3.05 15.89 -7.50
N GLU A 184 -2.88 16.39 -6.27
CA GLU A 184 -2.56 15.59 -5.09
C GLU A 184 -3.62 14.52 -4.77
N GLU A 185 -4.91 14.81 -5.00
CA GLU A 185 -6.02 13.91 -4.76
C GLU A 185 -5.95 12.71 -5.70
N VAL A 186 -5.82 12.97 -7.04
CA VAL A 186 -5.67 11.97 -8.11
C VAL A 186 -4.43 11.09 -7.79
N LEU A 187 -3.29 11.72 -7.47
CA LEU A 187 -2.03 11.06 -7.10
C LEU A 187 -2.20 10.12 -5.93
N THR A 188 -2.90 10.56 -4.86
CA THR A 188 -3.15 9.78 -3.66
C THR A 188 -3.92 8.51 -3.98
N ASP A 189 -5.04 8.66 -4.72
CA ASP A 189 -5.93 7.57 -5.09
C ASP A 189 -5.33 6.65 -6.13
N ALA A 190 -4.51 7.16 -7.09
CA ALA A 190 -3.87 6.30 -8.10
C ALA A 190 -2.75 5.45 -7.44
N CYS A 191 -2.01 6.05 -6.47
CA CYS A 191 -0.95 5.42 -5.69
C CYS A 191 -1.56 4.34 -4.80
N TRP A 192 -2.73 4.62 -4.18
CA TRP A 192 -3.45 3.63 -3.37
C TRP A 192 -3.78 2.42 -4.22
N ALA A 193 -4.36 2.64 -5.43
CA ALA A 193 -4.75 1.57 -6.35
C ALA A 193 -3.52 0.74 -6.77
N LEU A 194 -2.37 1.41 -7.03
CA LEU A 194 -1.15 0.71 -7.42
C LEU A 194 -0.51 -0.04 -6.23
N SER A 195 -0.71 0.44 -4.98
CA SER A 195 -0.20 -0.26 -3.78
C SER A 195 -0.95 -1.55 -3.55
N TYR A 196 -2.23 -1.62 -3.98
CA TYR A 196 -3.04 -2.84 -3.87
C TYR A 196 -2.68 -3.86 -4.96
N LEU A 197 -2.54 -3.43 -6.21
CA LEU A 197 -2.21 -4.31 -7.34
C LEU A 197 -0.79 -4.90 -7.21
N SER A 198 0.16 -4.14 -6.64
CA SER A 198 1.53 -4.59 -6.44
C SER A 198 1.68 -5.47 -5.17
N ASP A 199 0.65 -5.53 -4.30
CA ASP A 199 0.73 -6.31 -3.06
C ASP A 199 0.36 -7.76 -3.33
N GLY A 200 1.34 -8.53 -3.75
CA GLY A 200 1.12 -9.94 -4.06
C GLY A 200 2.27 -10.60 -4.77
N THR A 201 1.96 -11.68 -5.49
CA THR A 201 2.88 -12.52 -6.26
C THR A 201 3.63 -11.72 -7.33
N ASN A 202 4.77 -12.26 -7.76
CA ASN A 202 5.65 -11.61 -8.71
C ASN A 202 5.02 -11.38 -10.10
N ASP A 203 3.99 -12.17 -10.51
CA ASP A 203 3.31 -12.00 -11.81
C ASP A 203 2.51 -10.67 -11.83
N LYS A 204 2.05 -10.23 -10.65
CA LYS A 204 1.32 -8.97 -10.44
C LYS A 204 2.30 -7.80 -10.57
N ILE A 205 3.42 -7.86 -9.81
CA ILE A 205 4.51 -6.85 -9.81
C ILE A 205 5.04 -6.69 -11.26
N GLN A 206 5.20 -7.82 -11.99
CA GLN A 206 5.69 -7.81 -13.37
C GLN A 206 4.79 -6.93 -14.25
N ALA A 207 3.44 -7.09 -14.16
CA ALA A 207 2.49 -6.30 -14.95
C ALA A 207 2.50 -4.80 -14.56
N VAL A 208 2.69 -4.49 -13.25
CA VAL A 208 2.74 -3.11 -12.73
C VAL A 208 3.96 -2.39 -13.37
N ILE A 209 5.10 -3.10 -13.40
CA ILE A 209 6.38 -2.66 -13.94
C ILE A 209 6.30 -2.47 -15.46
N GLU A 210 5.60 -3.38 -16.17
CA GLU A 210 5.48 -3.31 -17.62
C GLU A 210 4.60 -2.13 -18.07
N ALA A 211 3.76 -1.57 -17.16
CA ALA A 211 2.95 -0.38 -17.42
C ALA A 211 3.81 0.91 -17.41
N GLY A 212 5.08 0.80 -16.96
CA GLY A 212 6.09 1.86 -16.89
C GLY A 212 6.00 2.83 -15.72
N VAL A 213 5.50 2.36 -14.57
CA VAL A 213 5.25 3.20 -13.39
C VAL A 213 6.48 3.61 -12.55
N CYS A 214 7.53 2.77 -12.53
CA CYS A 214 8.71 2.94 -11.68
C CYS A 214 9.34 4.33 -11.71
N PRO A 215 9.60 5.02 -12.87
CA PRO A 215 10.22 6.36 -12.78
C PRO A 215 9.34 7.38 -12.01
N ARG A 216 8.02 7.43 -12.32
CA ARG A 216 7.11 8.39 -11.69
C ARG A 216 6.85 8.04 -10.22
N LEU A 217 6.89 6.75 -9.83
CA LEU A 217 6.66 6.38 -8.43
C LEU A 217 7.81 6.84 -7.55
N VAL A 218 9.05 6.78 -8.08
CA VAL A 218 10.27 7.22 -7.38
C VAL A 218 10.20 8.74 -7.14
N GLU A 219 9.80 9.53 -8.18
CA GLU A 219 9.60 10.97 -8.07
C GLU A 219 8.62 11.30 -6.95
N LEU A 220 7.54 10.50 -6.84
CA LEU A 220 6.50 10.69 -5.84
C LEU A 220 7.00 10.46 -4.42
N LEU A 221 8.20 9.81 -4.25
CA LEU A 221 8.87 9.62 -2.94
C LEU A 221 9.29 10.96 -2.37
N LEU A 222 9.43 11.96 -3.25
CA LEU A 222 9.80 13.32 -2.89
C LEU A 222 8.56 14.27 -2.83
N HIS A 223 7.31 13.74 -3.05
CA HIS A 223 6.13 14.59 -2.96
C HIS A 223 6.02 15.16 -1.55
N PRO A 224 5.81 16.48 -1.39
CA PRO A 224 5.75 17.07 -0.04
C PRO A 224 4.56 16.61 0.80
N SER A 225 3.42 16.25 0.14
CA SER A 225 2.22 15.79 0.84
C SER A 225 2.37 14.34 1.30
N PRO A 226 2.21 14.05 2.61
CA PRO A 226 2.33 12.65 3.09
C PRO A 226 1.22 11.75 2.53
N SER A 227 0.05 12.33 2.18
CA SER A 227 -1.11 11.63 1.59
C SER A 227 -0.74 10.94 0.28
N VAL A 228 0.19 11.54 -0.48
CA VAL A 228 0.74 11.01 -1.72
C VAL A 228 1.89 10.06 -1.37
N LEU A 229 2.85 10.54 -0.54
CA LEU A 229 4.04 9.81 -0.12
C LEU A 229 3.72 8.47 0.48
N ILE A 230 2.71 8.36 1.38
CA ILE A 230 2.39 7.08 2.06
C ILE A 230 2.07 5.97 1.00
N PRO A 231 1.04 6.09 0.12
CA PRO A 231 0.80 5.02 -0.86
C PRO A 231 1.91 4.91 -1.92
N ALA A 232 2.63 6.01 -2.23
CA ALA A 232 3.76 6.00 -3.15
C ALA A 232 4.87 5.07 -2.62
N LEU A 233 5.31 5.29 -1.36
CA LEU A 233 6.34 4.52 -0.64
C LEU A 233 5.92 3.03 -0.53
N ARG A 234 4.65 2.76 -0.16
CA ARG A 234 4.07 1.42 -0.09
C ARG A 234 4.13 0.72 -1.49
N THR A 235 3.83 1.47 -2.58
CA THR A 235 3.88 0.88 -3.92
C THR A 235 5.32 0.48 -4.25
N VAL A 236 6.29 1.42 -4.08
CA VAL A 236 7.73 1.20 -4.30
C VAL A 236 8.19 -0.01 -3.46
N GLY A 237 7.76 -0.06 -2.21
CA GLY A 237 8.12 -1.15 -1.31
C GLY A 237 7.57 -2.51 -1.73
N ASN A 238 6.34 -2.53 -2.31
CA ASN A 238 5.74 -3.78 -2.78
C ASN A 238 6.45 -4.28 -4.04
N ILE A 239 6.82 -3.39 -4.98
CA ILE A 239 7.55 -3.70 -6.22
C ILE A 239 8.92 -4.37 -5.93
N VAL A 240 9.69 -3.84 -4.96
CA VAL A 240 11.02 -4.37 -4.59
C VAL A 240 10.95 -5.73 -3.80
N THR A 241 9.71 -6.26 -3.49
CA THR A 241 9.51 -7.58 -2.88
C THR A 241 9.53 -8.67 -3.99
N GLY A 242 9.69 -8.23 -5.24
CA GLY A 242 9.80 -9.08 -6.41
C GLY A 242 11.23 -9.54 -6.65
N ASP A 243 11.47 -10.18 -7.81
CA ASP A 243 12.79 -10.66 -8.21
C ASP A 243 13.77 -9.49 -8.41
N ASP A 244 15.08 -9.81 -8.60
CA ASP A 244 16.16 -8.82 -8.77
C ASP A 244 15.91 -7.88 -9.96
N ALA A 245 15.43 -8.41 -11.09
CA ALA A 245 15.11 -7.64 -12.30
C ALA A 245 13.96 -6.62 -12.04
N GLN A 246 12.93 -7.05 -11.32
CA GLN A 246 11.78 -6.22 -10.92
C GLN A 246 12.21 -5.10 -9.97
N THR A 247 13.08 -5.43 -8.97
CA THR A 247 13.66 -4.52 -7.97
C THR A 247 14.58 -3.47 -8.68
N GLN A 248 15.34 -3.92 -9.70
CA GLN A 248 16.23 -3.08 -10.52
C GLN A 248 15.45 -1.92 -11.18
N CYS A 249 14.17 -2.15 -11.57
CA CYS A 249 13.29 -1.13 -12.17
C CYS A 249 13.17 0.12 -11.31
N ILE A 250 13.13 -0.06 -9.99
CA ILE A 250 13.05 1.01 -9.01
C ILE A 250 14.45 1.66 -8.80
N ILE A 251 15.52 0.83 -8.59
CA ILE A 251 16.91 1.26 -8.34
C ILE A 251 17.49 2.13 -9.50
N ASP A 252 17.15 1.80 -10.76
CA ASP A 252 17.57 2.54 -11.97
C ASP A 252 17.03 3.97 -12.01
N HIS A 253 16.07 4.31 -11.15
CA HIS A 253 15.49 5.64 -11.21
C HIS A 253 15.78 6.48 -9.97
N GLN A 254 16.97 6.27 -9.38
CA GLN A 254 17.58 6.99 -8.25
C GLN A 254 16.64 6.97 -7.02
N ALA A 255 16.05 5.81 -6.73
CA ALA A 255 15.18 5.66 -5.58
C ALA A 255 15.95 5.60 -4.30
N LEU A 256 17.16 5.00 -4.32
CA LEU A 256 17.96 4.85 -3.11
C LEU A 256 18.34 6.22 -2.49
N PRO A 257 18.80 7.27 -3.24
CA PRO A 257 19.02 8.57 -2.58
C PRO A 257 17.70 9.18 -2.04
N CYS A 258 16.55 8.88 -2.70
CA CYS A 258 15.21 9.35 -2.29
C CYS A 258 14.81 8.66 -1.00
N LEU A 259 15.07 7.35 -0.89
CA LEU A 259 14.79 6.55 0.29
C LEU A 259 15.67 6.98 1.47
N LEU A 260 16.92 7.42 1.18
CA LEU A 260 17.84 7.95 2.19
C LEU A 260 17.27 9.25 2.77
N SER A 261 16.83 10.18 1.92
CA SER A 261 16.25 11.46 2.35
C SER A 261 15.01 11.23 3.27
N LEU A 262 14.27 10.11 3.12
CA LEU A 262 13.15 9.85 4.01
C LEU A 262 13.65 9.44 5.42
N LEU A 263 14.86 8.88 5.50
CA LEU A 263 15.46 8.45 6.76
C LEU A 263 16.08 9.60 7.51
N THR A 264 16.51 10.66 6.78
CA THR A 264 17.23 11.80 7.37
C THR A 264 16.34 13.02 7.59
N GLN A 265 15.13 13.04 7.01
CA GLN A 265 14.22 14.16 7.24
C GLN A 265 13.47 13.97 8.58
N ASN A 266 12.82 15.03 9.10
CA ASN A 266 12.05 14.93 10.34
C ASN A 266 10.64 14.47 9.97
N LEU A 267 10.52 13.16 9.70
CA LEU A 267 9.28 12.54 9.25
C LEU A 267 8.75 11.54 10.25
N LYS A 268 7.46 11.21 10.08
CA LYS A 268 6.70 10.23 10.87
C LYS A 268 7.45 8.91 10.98
N LYS A 269 7.36 8.27 12.15
CA LYS A 269 7.99 7.00 12.46
C LYS A 269 7.58 5.93 11.44
N SER A 270 6.28 5.91 11.06
CA SER A 270 5.69 4.99 10.11
C SER A 270 6.26 5.18 8.69
N ILE A 271 6.69 6.40 8.33
CA ILE A 271 7.29 6.66 7.02
C ILE A 271 8.72 6.10 7.03
N LYS A 272 9.49 6.36 8.11
CA LYS A 272 10.86 5.85 8.26
C LYS A 272 10.90 4.32 8.33
N LYS A 273 9.92 3.72 9.01
CA LYS A 273 9.80 2.27 9.14
C LYS A 273 9.62 1.63 7.75
N GLU A 274 8.72 2.19 6.91
CA GLU A 274 8.44 1.76 5.55
C GLU A 274 9.67 1.92 4.59
N ALA A 275 10.43 3.02 4.74
CA ALA A 275 11.64 3.25 3.94
C ALA A 275 12.70 2.19 4.26
N CYS A 276 12.87 1.86 5.56
CA CYS A 276 13.76 0.82 6.06
C CYS A 276 13.33 -0.57 5.56
N TRP A 277 12.00 -0.88 5.54
CA TRP A 277 11.47 -2.15 5.01
C TRP A 277 11.78 -2.25 3.48
N THR A 278 11.56 -1.15 2.74
CA THR A 278 11.84 -1.04 1.30
C THR A 278 13.33 -1.36 1.06
N ILE A 279 14.26 -0.60 1.72
CA ILE A 279 15.72 -0.78 1.65
C ILE A 279 16.12 -2.24 1.95
N SER A 280 15.45 -2.87 2.95
CA SER A 280 15.71 -4.26 3.34
C SER A 280 15.38 -5.23 2.23
N ASN A 281 14.36 -4.92 1.41
CA ASN A 281 14.01 -5.79 0.28
C ASN A 281 14.98 -5.56 -0.89
N ILE A 282 15.80 -4.51 -0.81
CA ILE A 282 16.80 -4.22 -1.83
C ILE A 282 18.13 -4.89 -1.40
N THR A 283 18.43 -4.90 -0.09
CA THR A 283 19.64 -5.54 0.42
C THR A 283 19.45 -7.07 0.43
N ALA A 284 18.21 -7.53 0.16
CA ALA A 284 17.80 -8.94 0.01
C ALA A 284 18.13 -9.46 -1.40
N GLY A 285 18.50 -8.54 -2.29
CA GLY A 285 18.88 -8.81 -3.68
C GLY A 285 20.35 -9.13 -3.91
N ASN A 286 20.80 -9.01 -5.18
CA ASN A 286 22.16 -9.35 -5.60
C ASN A 286 23.23 -8.36 -5.08
N LYS A 287 24.51 -8.66 -5.34
CA LYS A 287 25.69 -7.87 -4.94
C LYS A 287 25.69 -6.46 -5.58
N ASP A 288 25.16 -6.33 -6.80
CA ASP A 288 25.07 -5.04 -7.49
C ASP A 288 24.02 -4.13 -6.86
N GLN A 289 22.94 -4.72 -6.31
CA GLN A 289 21.86 -3.99 -5.67
C GLN A 289 22.30 -3.49 -4.29
N ILE A 290 23.07 -4.32 -3.53
CA ILE A 290 23.67 -3.95 -2.23
C ILE A 290 24.67 -2.79 -2.45
N GLN A 291 25.46 -2.88 -3.54
CA GLN A 291 26.45 -1.87 -3.93
C GLN A 291 25.79 -0.51 -4.12
N ALA A 292 24.65 -0.50 -4.83
CA ALA A 292 23.83 0.69 -5.06
C ALA A 292 23.34 1.29 -3.72
N VAL A 293 23.01 0.45 -2.71
CA VAL A 293 22.62 0.87 -1.36
C VAL A 293 23.85 1.54 -0.70
N ILE A 294 25.01 0.84 -0.73
CA ILE A 294 26.29 1.36 -0.23
C ILE A 294 26.61 2.70 -0.93
N ASN A 295 26.61 2.72 -2.29
CA ASN A 295 26.93 3.89 -3.13
C ASN A 295 26.06 5.11 -2.78
N ALA A 296 24.75 4.91 -2.55
CA ALA A 296 23.83 5.97 -2.15
C ALA A 296 24.17 6.60 -0.76
N GLY A 297 24.99 5.91 0.06
CA GLY A 297 25.40 6.33 1.40
C GLY A 297 24.37 6.03 2.48
N ILE A 298 23.61 4.94 2.32
CA ILE A 298 22.53 4.55 3.25
C ILE A 298 23.05 3.83 4.51
N ILE A 299 24.12 2.98 4.38
CA ILE A 299 24.67 2.13 5.47
C ILE A 299 24.94 2.91 6.78
N GLY A 300 25.61 4.07 6.70
CA GLY A 300 25.89 4.94 7.85
C GLY A 300 24.63 5.28 8.61
N PRO A 301 23.71 6.11 8.04
CA PRO A 301 22.43 6.41 8.74
C PRO A 301 21.56 5.18 9.11
N LEU A 302 21.70 4.08 8.37
CA LEU A 302 20.99 2.82 8.64
C LEU A 302 21.53 2.19 9.93
N VAL A 303 22.88 2.18 10.10
CA VAL A 303 23.53 1.63 11.31
C VAL A 303 23.12 2.48 12.54
N ASN A 304 23.06 3.82 12.38
CA ASN A 304 22.63 4.73 13.46
C ASN A 304 21.17 4.42 13.89
N LEU A 305 20.27 4.14 12.91
CA LEU A 305 18.87 3.80 13.17
C LEU A 305 18.77 2.45 13.86
N LEU A 306 19.63 1.48 13.45
CA LEU A 306 19.72 0.14 14.03
C LEU A 306 20.10 0.21 15.53
N GLN A 307 20.86 1.26 15.90
CA GLN A 307 21.37 1.50 17.25
C GLN A 307 20.45 2.39 18.10
N THR A 308 19.92 3.51 17.54
CA THR A 308 19.19 4.54 18.32
C THR A 308 17.67 4.66 18.16
N ALA A 309 17.12 4.28 17.00
CA ALA A 309 15.71 4.44 16.69
C ALA A 309 14.75 3.61 17.56
N GLU A 310 13.44 3.86 17.38
CA GLU A 310 12.32 3.16 18.00
C GLU A 310 12.32 1.73 17.45
N PHE A 311 11.95 0.75 18.30
CA PHE A 311 11.97 -0.69 18.03
C PHE A 311 11.43 -1.11 16.63
N ASP A 312 10.30 -0.54 16.17
CA ASP A 312 9.73 -0.89 14.86
C ASP A 312 10.67 -0.51 13.73
N ILE A 313 11.42 0.64 13.86
CA ILE A 313 12.40 1.08 12.85
C ILE A 313 13.64 0.15 12.95
N LYS A 314 14.17 -0.06 14.18
CA LYS A 314 15.30 -0.97 14.45
C LYS A 314 15.07 -2.36 13.86
N LYS A 315 13.81 -2.85 13.87
CA LYS A 315 13.40 -4.15 13.34
C LYS A 315 13.72 -4.23 11.84
N GLU A 316 13.24 -3.23 11.06
CA GLU A 316 13.44 -3.14 9.61
C GLU A 316 14.91 -2.88 9.28
N ALA A 317 15.58 -2.00 10.06
CA ALA A 317 16.99 -1.73 9.87
C ALA A 317 17.84 -2.98 10.15
N ALA A 318 17.38 -3.87 11.07
CA ALA A 318 18.04 -5.16 11.39
C ALA A 318 17.98 -6.08 10.18
N TRP A 319 16.79 -6.22 9.58
CA TRP A 319 16.58 -7.00 8.36
C TRP A 319 17.41 -6.41 7.23
N ALA A 320 17.52 -5.06 7.13
CA ALA A 320 18.29 -4.42 6.05
C ALA A 320 19.79 -4.74 6.13
N ILE A 321 20.42 -4.60 7.32
CA ILE A 321 21.83 -4.87 7.57
C ILE A 321 22.09 -6.39 7.44
N SER A 322 21.22 -7.26 8.00
CA SER A 322 21.42 -8.71 7.92
C SER A 322 21.29 -9.24 6.50
N ASN A 323 20.34 -8.71 5.70
CA ASN A 323 20.17 -9.13 4.31
C ASN A 323 21.42 -8.84 3.53
N ALA A 324 22.03 -7.67 3.79
CA ALA A 324 23.26 -7.25 3.12
C ALA A 324 24.42 -8.20 3.45
N THR A 325 24.46 -8.76 4.67
CA THR A 325 25.50 -9.71 5.06
C THR A 325 25.27 -11.08 4.37
N SER A 326 24.01 -11.41 4.05
CA SER A 326 23.63 -12.69 3.46
C SER A 326 24.04 -12.78 1.97
N GLY A 327 23.66 -11.79 1.18
CA GLY A 327 23.97 -11.78 -0.25
C GLY A 327 25.24 -11.06 -0.67
N GLY A 328 25.76 -10.22 0.22
CA GLY A 328 26.93 -9.39 -0.02
C GLY A 328 28.25 -10.10 -0.19
N SER A 329 29.17 -9.43 -0.91
CA SER A 329 30.55 -9.86 -1.15
C SER A 329 31.39 -9.63 0.11
N HIS A 330 32.58 -10.25 0.17
CA HIS A 330 33.53 -10.16 1.28
C HIS A 330 33.84 -8.70 1.66
N ASP A 331 34.21 -7.86 0.67
CA ASP A 331 34.55 -6.46 0.88
C ASP A 331 33.33 -5.59 1.21
N GLN A 332 32.11 -6.00 0.81
CA GLN A 332 30.88 -5.26 1.13
C GLN A 332 30.53 -5.48 2.60
N ILE A 333 30.67 -6.73 3.09
CA ILE A 333 30.43 -7.13 4.47
C ILE A 333 31.41 -6.36 5.38
N LYS A 334 32.68 -6.25 4.96
CA LYS A 334 33.70 -5.52 5.68
C LYS A 334 33.35 -4.01 5.74
N TYR A 335 32.75 -3.46 4.66
CA TYR A 335 32.31 -2.06 4.63
C TYR A 335 31.20 -1.84 5.66
N LEU A 336 30.32 -2.86 5.84
CA LEU A 336 29.24 -2.84 6.84
C LEU A 336 29.82 -2.78 8.23
N VAL A 337 30.86 -3.57 8.50
CA VAL A 337 31.57 -3.60 9.77
C VAL A 337 32.27 -2.24 10.03
N SER A 338 32.95 -1.67 9.01
CA SER A 338 33.66 -0.38 9.17
C SER A 338 32.66 0.78 9.40
N GLU A 339 31.37 0.61 9.01
CA GLU A 339 30.35 1.63 9.26
C GLU A 339 29.72 1.49 10.65
N GLY A 340 30.17 0.48 11.41
CA GLY A 340 29.85 0.22 12.81
C GLY A 340 28.69 -0.67 13.16
N CYS A 341 28.39 -1.65 12.29
CA CYS A 341 27.20 -2.51 12.33
C CYS A 341 27.25 -3.64 13.38
N ILE A 342 28.44 -4.08 13.84
CA ILE A 342 28.56 -5.19 14.80
C ILE A 342 27.87 -4.86 16.16
N LYS A 343 28.22 -3.73 16.81
CA LYS A 343 27.66 -3.31 18.11
C LYS A 343 26.12 -3.26 18.06
N PRO A 344 25.45 -2.50 17.15
CA PRO A 344 23.96 -2.50 17.14
C PRO A 344 23.33 -3.87 16.86
N LEU A 345 24.01 -4.79 16.12
CA LEU A 345 23.46 -6.13 15.88
C LEU A 345 23.53 -6.96 17.14
N CYS A 346 24.60 -6.75 17.93
CA CYS A 346 24.86 -7.41 19.22
C CYS A 346 23.84 -6.95 20.25
N ASP A 347 23.56 -5.64 20.31
CA ASP A 347 22.65 -5.03 21.29
C ASP A 347 21.21 -5.54 21.19
N LEU A 348 20.82 -6.05 20.01
CA LEU A 348 19.48 -6.58 19.77
C LEU A 348 19.43 -8.11 19.96
N LEU A 349 20.48 -8.71 20.56
CA LEU A 349 20.50 -10.16 20.78
C LEU A 349 19.65 -10.55 21.99
N ILE A 350 19.42 -9.62 22.93
CA ILE A 350 18.61 -9.87 24.14
C ILE A 350 17.17 -9.32 23.96
N CYS A 351 16.86 -8.88 22.73
CA CYS A 351 15.59 -8.33 22.28
C CYS A 351 14.48 -9.42 22.39
N PRO A 352 13.27 -9.07 22.89
CA PRO A 352 12.23 -10.11 23.09
C PRO A 352 11.65 -10.71 21.80
N ASP A 353 11.85 -10.05 20.65
CA ASP A 353 11.37 -10.55 19.36
C ASP A 353 12.40 -11.59 18.86
N ILE A 354 11.98 -12.87 18.86
CA ILE A 354 12.78 -14.04 18.47
C ILE A 354 13.21 -13.97 17.00
N ARG A 355 12.36 -13.35 16.13
CA ARG A 355 12.65 -13.17 14.71
C ARG A 355 13.86 -12.26 14.53
N ILE A 356 13.90 -11.17 15.33
CA ILE A 356 14.96 -10.17 15.32
C ILE A 356 16.25 -10.75 15.90
N VAL A 357 16.14 -11.60 16.95
CA VAL A 357 17.31 -12.26 17.56
C VAL A 357 17.99 -13.12 16.47
N THR A 358 17.18 -13.95 15.78
CA THR A 358 17.57 -14.84 14.68
C THR A 358 18.24 -14.06 13.52
N VAL A 359 17.67 -12.89 13.16
CA VAL A 359 18.15 -12.02 12.07
C VAL A 359 19.54 -11.43 12.40
N CYS A 360 19.70 -10.94 13.65
CA CYS A 360 20.95 -10.37 14.12
C CYS A 360 21.99 -11.47 14.33
N LEU A 361 21.60 -12.67 14.80
CA LEU A 361 22.49 -13.83 14.91
C LEU A 361 23.03 -14.27 13.56
N GLU A 362 22.16 -14.28 12.52
CA GLU A 362 22.53 -14.67 11.16
C GLU A 362 23.49 -13.65 10.57
N GLY A 363 23.23 -12.36 10.85
CA GLY A 363 24.05 -11.24 10.44
C GLY A 363 25.43 -11.29 11.06
N LEU A 364 25.50 -11.62 12.37
CA LEU A 364 26.78 -11.72 13.08
C LEU A 364 27.59 -12.94 12.60
N GLU A 365 26.90 -14.04 12.26
CA GLU A 365 27.51 -15.28 11.76
C GLU A 365 28.12 -15.06 10.37
N ASN A 366 27.37 -14.42 9.47
CA ASN A 366 27.80 -14.07 8.10
C ASN A 366 29.08 -13.22 8.14
N ILE A 367 29.14 -12.26 9.08
CA ILE A 367 30.28 -11.37 9.35
C ILE A 367 31.48 -12.20 9.86
N LEU A 368 31.19 -13.21 10.74
CA LEU A 368 32.20 -14.10 11.33
C LEU A 368 32.93 -14.94 10.30
N LYS A 369 32.21 -15.50 9.29
CA LYS A 369 32.78 -16.30 8.19
C LYS A 369 33.80 -15.46 7.41
N VAL A 370 33.46 -14.18 7.14
CA VAL A 370 34.28 -13.20 6.44
C VAL A 370 35.55 -12.93 7.28
N GLY A 371 35.38 -12.70 8.59
CA GLY A 371 36.47 -12.49 9.52
C GLY A 371 37.40 -13.68 9.59
N GLU A 372 36.84 -14.90 9.42
CA GLU A 372 37.60 -16.14 9.42
C GLU A 372 38.44 -16.27 8.16
N THR A 373 37.87 -15.90 6.99
CA THR A 373 38.55 -15.93 5.69
C THR A 373 39.79 -15.02 5.72
N ASP A 374 39.68 -13.83 6.35
CA ASP A 374 40.79 -12.88 6.53
C ASP A 374 41.94 -13.48 7.34
N LYS A 375 41.59 -14.24 8.40
CA LYS A 375 42.52 -14.91 9.32
C LYS A 375 43.32 -16.01 8.58
N THR A 376 42.61 -16.93 7.90
CA THR A 376 43.14 -18.08 7.16
C THR A 376 44.14 -17.61 6.06
N LEU A 377 43.74 -16.60 5.26
CA LEU A 377 44.51 -16.03 4.17
C LEU A 377 45.78 -15.32 4.65
N ALA A 378 45.72 -14.65 5.81
CA ALA A 378 46.84 -13.89 6.38
C ALA A 378 47.63 -14.65 7.48
N ALA A 379 47.23 -15.91 7.80
CA ALA A 379 47.83 -16.78 8.83
C ALA A 379 47.91 -16.06 10.21
N GLY A 380 46.87 -15.28 10.51
CA GLY A 380 46.74 -14.50 11.73
C GLY A 380 46.40 -15.34 12.94
N ASP A 381 46.69 -14.80 14.13
CA ASP A 381 46.45 -15.48 15.40
C ASP A 381 44.98 -15.47 15.79
N VAL A 382 44.17 -14.50 15.29
CA VAL A 382 42.76 -14.39 15.67
C VAL A 382 41.87 -13.80 14.55
N ASN A 383 40.54 -14.11 14.65
CA ASN A 383 39.46 -13.59 13.81
C ASN A 383 39.16 -12.20 14.34
N VAL A 384 39.49 -11.15 13.56
CA VAL A 384 39.33 -9.73 13.91
C VAL A 384 37.86 -9.42 14.28
N PHE A 385 36.90 -10.02 13.58
CA PHE A 385 35.48 -9.73 13.81
C PHE A 385 34.96 -10.46 15.04
N SER A 386 35.59 -11.60 15.43
CA SER A 386 35.24 -12.30 16.66
C SER A 386 35.70 -11.49 17.88
N GLN A 387 36.80 -10.69 17.72
CA GLN A 387 37.33 -9.79 18.75
C GLN A 387 36.36 -8.64 18.98
N MET A 388 35.88 -8.04 17.88
CA MET A 388 34.94 -6.92 17.83
C MET A 388 33.59 -7.28 18.47
N ILE A 389 33.08 -8.53 18.24
CA ILE A 389 31.83 -9.05 18.79
C ILE A 389 31.97 -9.15 20.34
N ASP A 390 33.15 -9.61 20.80
CA ASP A 390 33.48 -9.74 22.22
C ASP A 390 33.56 -8.35 22.88
N GLU A 391 34.19 -7.37 22.19
CA GLU A 391 34.33 -5.98 22.63
C GLU A 391 32.98 -5.27 22.75
N ALA A 392 32.03 -5.56 21.83
CA ALA A 392 30.68 -4.98 21.80
C ALA A 392 29.73 -5.60 22.84
N GLU A 393 30.20 -6.62 23.59
CA GLU A 393 29.48 -7.38 24.64
C GLU A 393 28.52 -8.42 23.99
N GLY A 394 28.77 -8.73 22.72
CA GLY A 394 27.99 -9.68 21.94
C GLY A 394 28.27 -11.14 22.26
N LEU A 395 29.54 -11.46 22.63
CA LEU A 395 29.98 -12.80 23.00
C LEU A 395 29.20 -13.34 24.21
N GLU A 396 29.11 -12.55 25.30
CA GLU A 396 28.38 -12.96 26.52
C GLU A 396 26.89 -13.14 26.19
N LYS A 397 26.36 -12.38 25.21
CA LYS A 397 24.96 -12.47 24.78
C LYS A 397 24.69 -13.80 24.04
N ILE A 398 25.63 -14.22 23.16
CA ILE A 398 25.56 -15.47 22.38
C ILE A 398 25.68 -16.64 23.38
N GLU A 399 26.63 -16.55 24.32
CA GLU A 399 26.81 -17.56 25.37
C GLU A 399 25.49 -17.74 26.18
N ASN A 400 24.77 -16.63 26.47
CA ASN A 400 23.49 -16.62 27.20
C ASN A 400 22.33 -17.16 26.36
N LEU A 401 22.48 -17.12 25.01
CA LEU A 401 21.45 -17.63 24.09
C LEU A 401 21.40 -19.16 24.07
N GLN A 402 22.33 -19.83 24.81
CA GLN A 402 22.37 -21.29 24.99
C GLN A 402 21.27 -21.72 25.97
N SER A 403 20.66 -20.75 26.66
CA SER A 403 19.58 -20.97 27.64
C SER A 403 18.23 -20.54 27.08
N HIS A 404 18.20 -20.04 25.83
CA HIS A 404 16.97 -19.59 25.17
C HIS A 404 16.04 -20.78 24.93
N ASP A 405 14.72 -20.56 25.10
CA ASP A 405 13.69 -21.58 24.90
C ASP A 405 13.64 -22.06 23.45
N ASN A 406 13.70 -21.11 22.50
CA ASN A 406 13.68 -21.34 21.04
C ASN A 406 14.86 -22.21 20.60
N ASN A 407 14.56 -23.32 19.90
CA ASN A 407 15.53 -24.30 19.40
C ASN A 407 16.44 -23.69 18.35
N GLU A 408 15.85 -22.98 17.35
CA GLU A 408 16.57 -22.33 16.26
C GLU A 408 17.58 -21.32 16.78
N ILE A 409 17.23 -20.54 17.81
CA ILE A 409 18.12 -19.55 18.42
C ILE A 409 19.22 -20.29 19.22
N TYR A 410 18.84 -21.35 19.97
CA TYR A 410 19.73 -22.19 20.76
C TYR A 410 20.78 -22.86 19.85
N GLU A 411 20.32 -23.59 18.82
CA GLU A 411 21.16 -24.35 17.88
C GLU A 411 22.10 -23.43 17.09
N LYS A 412 21.67 -22.18 16.84
CA LYS A 412 22.48 -21.17 16.15
C LYS A 412 23.63 -20.73 17.06
N ALA A 413 23.31 -20.40 18.34
CA ALA A 413 24.28 -19.96 19.35
C ALA A 413 25.39 -20.99 19.56
N VAL A 414 25.01 -22.28 19.68
CA VAL A 414 25.92 -23.41 19.90
C VAL A 414 26.85 -23.55 18.67
N LYS A 415 26.27 -23.57 17.45
CA LYS A 415 26.98 -23.67 16.16
C LYS A 415 27.99 -22.53 16.00
N ILE A 416 27.63 -21.30 16.41
CA ILE A 416 28.50 -20.12 16.32
C ILE A 416 29.66 -20.26 17.32
N LEU A 417 29.35 -20.58 18.58
CA LEU A 417 30.36 -20.72 19.65
C LEU A 417 31.36 -21.86 19.38
N GLU A 418 30.89 -23.00 18.83
CA GLU A 418 31.74 -24.16 18.55
C GLU A 418 32.76 -23.84 17.43
N ALA A 419 32.27 -23.20 16.35
CA ALA A 419 33.05 -22.83 15.18
C ALA A 419 34.00 -21.63 15.39
N TYR A 420 33.76 -20.75 16.39
CA TYR A 420 34.62 -19.57 16.56
C TYR A 420 35.16 -19.34 18.01
N TRP A 421 34.68 -20.06 19.03
CA TRP A 421 35.16 -19.84 20.40
C TRP A 421 35.41 -21.15 21.18
N MET A 422 36.40 -21.94 20.71
CA MET A 422 36.85 -23.18 21.34
C MET A 422 38.37 -23.26 21.30
N SER B 1 19.51 -17.74 2.66
CA SER B 1 18.81 -16.45 2.59
C SER B 1 19.39 -15.60 1.43
N ALA B 2 18.96 -14.34 1.20
CA ALA B 2 17.97 -13.55 1.93
C ALA B 2 16.59 -13.71 1.30
N VAL B 3 15.54 -13.51 2.10
CA VAL B 3 14.17 -13.66 1.62
C VAL B 3 13.48 -12.27 1.57
N LYS B 4 12.59 -12.10 0.58
CA LYS B 4 11.82 -10.89 0.38
C LYS B 4 10.65 -10.93 1.31
N ARG B 5 10.38 -9.85 2.03
CA ARG B 5 9.30 -9.80 2.99
C ARG B 5 8.13 -8.91 2.54
N PRO B 6 6.90 -9.47 2.39
CA PRO B 6 5.74 -8.62 2.07
C PRO B 6 5.35 -7.73 3.25
N ALA B 7 4.55 -6.69 2.97
CA ALA B 7 4.04 -5.75 3.96
C ALA B 7 3.12 -6.47 4.97
N ALA B 8 3.38 -6.29 6.27
CA ALA B 8 2.64 -6.95 7.35
C ALA B 8 1.56 -6.04 8.02
N THR B 9 1.50 -4.75 7.66
CA THR B 9 0.52 -3.79 8.20
C THR B 9 -0.42 -3.33 7.09
N LYS B 10 -1.73 -3.23 7.41
CA LYS B 10 -2.76 -2.82 6.45
C LYS B 10 -2.80 -1.30 6.30
N LYS B 11 -2.54 -0.82 5.07
CA LYS B 11 -2.53 0.58 4.69
C LYS B 11 -3.48 0.78 3.52
N ALA B 12 -4.52 1.63 3.73
CA ALA B 12 -5.56 1.91 2.73
C ALA B 12 -6.22 3.29 2.95
N GLY B 13 -6.77 3.84 1.87
CA GLY B 13 -7.46 5.14 1.87
C GLY B 13 -8.84 5.06 2.47
N GLN B 14 -9.76 5.95 2.02
CA GLN B 14 -11.13 5.96 2.52
C GLN B 14 -12.04 5.07 1.67
N ALA B 15 -12.69 4.07 2.31
CA ALA B 15 -13.58 3.08 1.68
C ALA B 15 -14.80 3.74 1.04
N LYS B 16 -15.47 4.65 1.77
CA LYS B 16 -16.67 5.36 1.33
C LYS B 16 -16.52 6.88 1.46
N LYS B 17 -17.21 7.61 0.58
CA LYS B 17 -17.24 9.07 0.55
C LYS B 17 -18.68 9.55 0.31
N LYS B 18 -19.16 10.44 1.17
CA LYS B 18 -20.48 11.05 1.07
C LYS B 18 -20.38 12.33 0.24
N LYS B 19 -21.33 12.55 -0.68
CA LYS B 19 -21.35 13.77 -1.48
C LYS B 19 -22.19 14.84 -0.75
N LEU B 20 -21.54 15.95 -0.38
CA LEU B 20 -22.16 17.07 0.36
C LEU B 20 -22.61 18.17 -0.61
N ASP B 21 -21.92 18.28 -1.78
CA ASP B 21 -22.18 19.21 -2.89
C ASP B 21 -21.28 18.87 -4.08
#